data_7CWW
#
_entry.id   7CWW
#
_cell.length_a   75.895
_cell.length_b   78.118
_cell.length_c   78.498
_cell.angle_alpha   90.000
_cell.angle_beta   90.000
_cell.angle_gamma   90.000
#
_symmetry.space_group_name_H-M   'P 21 21 21'
#
loop_
_entity.id
_entity.type
_entity.pdbx_description
1 polymer TsrE
2 non-polymer 3,6,9,12,15,18,21,24,27,30,33,36-dodecaoxaoctatriacontane-1,38-diol
3 water water
#
_entity_poly.entity_id   1
_entity_poly.type   'polypeptide(L)'
_entity_poly.pdbx_seq_one_letter_code
;MSTSEQKDLTVSVPWSVQEDLLLDVAAPLLDESVELGETDSWFYLRENHGGRPFLRLRFASRSPSVERRLKSRILAHVGP
TIDAGDVFTYQPYNHEHDWLGGTAGLGLAENFWTETTPLALDTLRATRGNRALRLAVAFDFLVCTGVMLAPHLPPSIAKF
GYKAGYLSYLATFEGYMLLIRDPEGTRAKHAQRYEKNRELLRPRLRTLVEQMSEPDGELTDVPELAREWLVRLRDYVPAL
QKGFDEGRFYLYATPRKAETAKLTPSPDGLYRRPDVEWLSDLPEPPVAGIHRAIADNTYYQGMIREDRRFLASRLAQAYT
NWHLYRLGFLLADRYTLFYLIARAFEEEYDLDAAALIRSVRPEAEVAG
;
_entity_poly.pdbx_strand_id   A
#
# COMPACT_ATOMS: atom_id res chain seq x y z
N THR A 3 -11.42 -29.63 10.46
CA THR A 3 -10.21 -30.11 11.12
C THR A 3 -9.39 -28.94 11.62
N SER A 4 -9.25 -27.93 10.79
CA SER A 4 -8.47 -26.74 11.09
C SER A 4 -9.38 -25.62 11.53
N GLU A 5 -8.97 -24.89 12.56
CA GLU A 5 -9.72 -23.76 13.09
C GLU A 5 -8.96 -22.46 12.85
N GLN A 6 -9.73 -21.43 12.51
CA GLN A 6 -9.17 -20.10 12.30
C GLN A 6 -8.73 -19.51 13.64
N LYS A 7 -7.47 -19.09 13.73
CA LYS A 7 -6.96 -18.43 14.93
C LYS A 7 -6.54 -17.01 14.59
N ASP A 8 -6.55 -16.14 15.60
CA ASP A 8 -6.32 -14.70 15.43
C ASP A 8 -5.80 -14.17 16.76
N LEU A 9 -4.56 -13.67 16.76
CA LEU A 9 -3.91 -13.22 17.98
C LEU A 9 -3.41 -11.80 17.75
N THR A 10 -3.69 -10.88 18.67
CA THR A 10 -3.21 -9.51 18.54
C THR A 10 -2.32 -9.18 19.73
N VAL A 11 -1.19 -8.52 19.44
CA VAL A 11 -0.17 -8.22 20.43
C VAL A 11 0.07 -6.72 20.40
N SER A 12 -0.38 -6.02 21.44
CA SER A 12 -0.43 -4.55 21.46
C SER A 12 0.83 -4.03 22.11
N VAL A 13 1.86 -3.83 21.29
CA VAL A 13 3.17 -3.32 21.73
C VAL A 13 3.67 -2.34 20.69
N PRO A 14 4.65 -1.49 21.05
CA PRO A 14 5.16 -0.49 20.09
C PRO A 14 5.58 -1.10 18.76
N TRP A 15 5.58 -0.29 17.69
CA TRP A 15 5.91 -0.79 16.35
C TRP A 15 7.26 -1.51 16.33
N SER A 16 8.28 -0.95 16.98
CA SER A 16 9.61 -1.56 16.90
C SER A 16 9.63 -2.92 17.59
N VAL A 17 8.87 -3.06 18.69
CA VAL A 17 8.80 -4.32 19.41
C VAL A 17 8.03 -5.36 18.59
N GLN A 18 7.00 -4.92 17.84
CA GLN A 18 6.33 -5.83 16.92
C GLN A 18 7.32 -6.46 15.96
N GLU A 19 8.26 -5.67 15.46
CA GLU A 19 9.21 -6.18 14.49
C GLU A 19 10.11 -7.24 15.12
N ASP A 20 10.68 -6.93 16.29
CA ASP A 20 11.50 -7.90 17.02
C ASP A 20 10.74 -9.20 17.27
N LEU A 21 9.50 -9.10 17.78
CA LEU A 21 8.70 -10.30 18.03
C LEU A 21 8.45 -11.09 16.77
N LEU A 22 8.16 -10.38 15.68
CA LEU A 22 7.89 -11.04 14.42
C LEU A 22 9.10 -11.81 13.91
N LEU A 23 10.26 -11.16 13.88
CA LEU A 23 11.45 -11.79 13.29
C LEU A 23 12.06 -12.82 14.23
N ASP A 24 12.00 -12.61 15.54
CA ASP A 24 12.73 -13.45 16.48
C ASP A 24 11.88 -14.48 17.19
N VAL A 25 10.56 -14.29 17.26
CA VAL A 25 9.69 -15.20 18.02
C VAL A 25 8.62 -15.79 17.11
N ALA A 26 7.83 -14.92 16.47
CA ALA A 26 6.58 -15.38 15.85
C ALA A 26 6.84 -16.12 14.54
N ALA A 27 7.59 -15.51 13.62
CA ALA A 27 7.86 -16.21 12.35
C ALA A 27 8.57 -17.54 12.54
N PRO A 28 9.62 -17.66 13.37
CA PRO A 28 10.25 -18.98 13.54
C PRO A 28 9.30 -20.03 14.12
N LEU A 29 8.46 -19.65 15.08
CA LEU A 29 7.48 -20.58 15.63
C LEU A 29 6.46 -21.00 14.58
N LEU A 30 5.87 -20.02 13.89
CA LEU A 30 4.80 -20.33 12.95
C LEU A 30 5.32 -21.03 11.70
N ASP A 31 6.50 -20.65 11.22
CA ASP A 31 7.10 -21.40 10.11
C ASP A 31 7.39 -22.84 10.51
N GLU A 32 7.95 -23.05 11.71
CA GLU A 32 8.15 -24.42 12.20
C GLU A 32 6.83 -25.17 12.27
N SER A 33 5.81 -24.54 12.86
CA SER A 33 4.50 -25.19 12.99
C SER A 33 3.93 -25.56 11.63
N VAL A 34 4.16 -24.72 10.61
CA VAL A 34 3.70 -25.04 9.26
C VAL A 34 4.48 -26.21 8.70
N GLU A 35 5.82 -26.18 8.83
CA GLU A 35 6.63 -27.29 8.33
C GLU A 35 6.26 -28.61 8.97
N LEU A 36 5.80 -28.59 10.22
CA LEU A 36 5.39 -29.82 10.89
C LEU A 36 3.94 -30.20 10.61
N GLY A 37 3.17 -29.34 9.95
CA GLY A 37 1.78 -29.66 9.69
C GLY A 37 0.86 -29.39 10.85
N GLU A 38 1.37 -28.77 11.91
CA GLU A 38 0.55 -28.35 13.02
C GLU A 38 -0.32 -27.14 12.65
N THR A 39 0.17 -26.32 11.73
CA THR A 39 -0.53 -25.15 11.22
C THR A 39 -0.54 -25.24 9.70
N ASP A 40 -1.65 -24.83 9.08
CA ASP A 40 -1.75 -24.91 7.63
C ASP A 40 -0.95 -23.80 6.96
N SER A 41 -1.18 -22.55 7.37
CA SER A 41 -0.50 -21.39 6.82
C SER A 41 -0.68 -20.26 7.82
N TRP A 42 0.06 -19.17 7.63
CA TRP A 42 -0.13 -18.01 8.49
C TRP A 42 0.21 -16.75 7.72
N PHE A 43 -0.31 -15.62 8.22
CA PHE A 43 0.16 -14.30 7.79
C PHE A 43 0.09 -13.36 8.97
N TYR A 44 0.62 -12.15 8.79
CA TYR A 44 0.55 -11.14 9.84
C TYR A 44 0.07 -9.84 9.24
N LEU A 45 -0.55 -9.01 10.09
CA LEU A 45 -0.85 -7.62 9.77
C LEU A 45 -0.33 -6.77 10.92
N ARG A 46 -0.13 -5.49 10.66
CA ARG A 46 0.19 -4.55 11.71
C ARG A 46 -0.83 -3.42 11.63
N GLU A 47 -1.54 -3.19 12.73
CA GLU A 47 -2.66 -2.27 12.72
C GLU A 47 -2.59 -1.45 14.01
N ASN A 48 -3.61 -0.64 14.25
CA ASN A 48 -3.61 0.27 15.39
C ASN A 48 -5.04 0.49 15.84
N HIS A 49 -5.27 0.47 17.16
CA HIS A 49 -6.56 0.83 17.72
C HIS A 49 -6.33 1.83 18.86
N GLY A 50 -6.88 3.02 18.72
CA GLY A 50 -6.87 3.99 19.83
C GLY A 50 -5.48 4.40 20.28
N GLY A 51 -4.52 4.48 19.37
CA GLY A 51 -3.16 4.82 19.77
C GLY A 51 -2.44 3.67 20.44
N ARG A 52 -2.88 2.44 20.20
CA ARG A 52 -2.19 1.24 20.65
C ARG A 52 -1.90 0.38 19.42
N PRO A 53 -0.75 0.57 18.80
CA PRO A 53 -0.35 -0.30 17.68
C PRO A 53 -0.36 -1.76 18.08
N PHE A 54 -0.65 -2.65 17.12
CA PHE A 54 -0.58 -4.06 17.45
C PHE A 54 -0.18 -4.90 16.23
N LEU A 55 0.50 -5.99 16.54
CA LEU A 55 0.81 -7.06 15.59
C LEU A 55 -0.30 -8.09 15.65
N ARG A 56 -0.86 -8.41 14.49
CA ARG A 56 -1.89 -9.44 14.37
C ARG A 56 -1.28 -10.67 13.71
N LEU A 57 -1.49 -11.84 14.31
CA LEU A 57 -1.05 -13.10 13.72
C LEU A 57 -2.28 -13.93 13.42
N ARG A 58 -2.47 -14.26 12.16
CA ARG A 58 -3.64 -15.01 11.72
C ARG A 58 -3.19 -16.32 11.09
N PHE A 59 -3.78 -17.42 11.54
CA PHE A 59 -3.32 -18.71 11.09
C PHE A 59 -4.43 -19.72 11.36
N ALA A 60 -4.43 -20.78 10.56
CA ALA A 60 -5.39 -21.87 10.72
C ALA A 60 -4.66 -23.09 11.27
N SER A 61 -5.15 -23.61 12.39
CA SER A 61 -4.47 -24.71 13.05
C SER A 61 -5.51 -25.60 13.71
N ARG A 62 -5.23 -26.89 13.72
CA ARG A 62 -6.02 -27.85 14.47
C ARG A 62 -5.74 -27.80 15.97
N SER A 63 -4.62 -27.22 16.38
CA SER A 63 -4.15 -27.35 17.75
C SER A 63 -4.35 -26.05 18.52
N PRO A 64 -4.95 -26.11 19.72
CA PRO A 64 -5.00 -24.91 20.56
C PRO A 64 -3.64 -24.53 21.13
N SER A 65 -2.65 -25.42 21.05
CA SER A 65 -1.35 -25.13 21.65
C SER A 65 -0.62 -24.02 20.91
N VAL A 66 -0.89 -23.81 19.62
CA VAL A 66 -0.08 -22.90 18.83
C VAL A 66 -0.22 -21.47 19.33
N GLU A 67 -1.46 -21.00 19.47
CA GLU A 67 -1.68 -19.65 19.97
C GLU A 67 -1.13 -19.49 21.38
N ARG A 68 -1.26 -20.53 22.21
CA ARG A 68 -0.82 -20.43 23.59
C ARG A 68 0.70 -20.40 23.67
N ARG A 69 1.36 -21.24 22.87
CA ARG A 69 2.82 -21.23 22.81
C ARG A 69 3.33 -19.87 22.34
N LEU A 70 2.66 -19.29 21.33
CA LEU A 70 3.01 -17.96 20.84
C LEU A 70 2.95 -16.92 21.96
N LYS A 71 1.80 -16.86 22.67
CA LYS A 71 1.65 -15.90 23.75
C LYS A 71 2.74 -16.06 24.79
N SER A 72 3.03 -17.31 25.18
CA SER A 72 3.95 -17.49 26.30
C SER A 72 5.37 -17.14 25.87
N ARG A 73 5.72 -17.38 24.61
CA ARG A 73 7.06 -17.04 24.13
C ARG A 73 7.20 -15.55 23.85
N ILE A 74 6.11 -14.87 23.51
CA ILE A 74 6.14 -13.42 23.43
C ILE A 74 6.47 -12.82 24.78
N LEU A 75 5.83 -13.33 25.84
CA LEU A 75 6.12 -12.85 27.19
C LEU A 75 7.57 -13.07 27.58
N ALA A 76 8.14 -14.23 27.23
CA ALA A 76 9.54 -14.50 27.57
C ALA A 76 10.47 -13.51 26.86
N HIS A 77 10.16 -13.17 25.62
CA HIS A 77 11.04 -12.31 24.83
C HIS A 77 11.05 -10.89 25.37
N VAL A 78 9.86 -10.31 25.58
CA VAL A 78 9.78 -8.92 26.02
C VAL A 78 10.30 -8.77 27.44
N GLY A 79 10.18 -9.81 28.27
CA GLY A 79 10.61 -9.74 29.65
C GLY A 79 9.49 -9.33 30.57
N PRO A 80 9.75 -9.35 31.88
CA PRO A 80 8.70 -8.99 32.85
C PRO A 80 8.30 -7.52 32.81
N THR A 81 8.89 -6.72 31.93
CA THR A 81 8.59 -5.29 31.90
C THR A 81 7.16 -5.02 31.46
N ILE A 82 6.72 -5.62 30.34
CA ILE A 82 5.37 -5.37 29.85
C ILE A 82 4.38 -6.24 30.63
N ASP A 83 3.10 -5.90 30.50
CA ASP A 83 2.02 -6.50 31.27
C ASP A 83 1.23 -7.43 30.36
N ALA A 84 1.20 -8.72 30.71
CA ALA A 84 0.54 -9.71 29.87
C ALA A 84 -0.95 -9.45 29.74
N GLY A 85 -1.59 -9.04 30.84
CA GLY A 85 -3.02 -8.74 30.81
C GLY A 85 -3.39 -7.49 30.05
N ASP A 86 -2.42 -6.77 29.50
CA ASP A 86 -2.70 -5.60 28.68
C ASP A 86 -2.30 -5.78 27.21
N VAL A 87 -1.27 -6.56 26.93
CA VAL A 87 -0.81 -6.66 25.54
C VAL A 87 -1.71 -7.55 24.70
N PHE A 88 -2.50 -8.44 25.29
CA PHE A 88 -3.28 -9.35 24.48
C PHE A 88 -4.75 -8.97 24.32
N THR A 89 -5.15 -7.76 24.76
CA THR A 89 -6.51 -7.29 24.53
C THR A 89 -6.91 -7.58 23.09
N TYR A 90 -8.04 -8.28 22.91
CA TYR A 90 -8.35 -8.78 21.57
C TYR A 90 -8.95 -7.67 20.70
N GLN A 91 -8.35 -7.44 19.54
CA GLN A 91 -8.84 -6.48 18.57
C GLN A 91 -9.36 -7.26 17.37
N PRO A 92 -10.66 -7.29 17.14
CA PRO A 92 -11.23 -8.27 16.20
C PRO A 92 -10.83 -8.03 14.76
N TYR A 93 -10.52 -9.12 14.09
CA TYR A 93 -10.18 -9.08 12.68
C TYR A 93 -11.34 -8.53 11.87
N ASN A 94 -11.02 -7.68 10.89
CA ASN A 94 -12.01 -7.12 9.98
C ASN A 94 -12.06 -8.00 8.73
N HIS A 95 -13.18 -8.70 8.54
CA HIS A 95 -13.36 -9.56 7.37
C HIS A 95 -13.78 -8.79 6.13
N GLU A 96 -13.98 -7.48 6.24
CA GLU A 96 -14.58 -6.67 5.18
C GLU A 96 -13.84 -5.33 5.16
N HIS A 97 -12.51 -5.39 5.01
CA HIS A 97 -11.71 -4.17 5.04
C HIS A 97 -12.13 -3.23 3.90
N ASP A 98 -12.12 -1.94 4.20
CA ASP A 98 -12.50 -0.95 3.19
C ASP A 98 -11.61 -1.08 1.97
N TRP A 99 -12.23 -1.04 0.80
CA TRP A 99 -11.52 -0.94 -0.48
C TRP A 99 -10.70 -2.17 -0.80
N LEU A 100 -11.02 -3.32 -0.18
CA LEU A 100 -10.25 -4.54 -0.42
C LEU A 100 -11.04 -5.57 -1.20
N GLY A 101 -12.15 -5.17 -1.84
CA GLY A 101 -12.90 -6.04 -2.71
C GLY A 101 -14.20 -6.56 -2.12
N GLY A 102 -14.46 -6.37 -0.83
CA GLY A 102 -15.70 -6.83 -0.24
C GLY A 102 -15.59 -8.26 0.24
N THR A 103 -16.74 -8.81 0.64
CA THR A 103 -16.76 -10.15 1.22
C THR A 103 -16.13 -11.19 0.28
N ALA A 104 -16.41 -11.08 -1.03
CA ALA A 104 -15.93 -12.09 -1.95
C ALA A 104 -14.43 -12.00 -2.19
N GLY A 105 -13.80 -10.89 -1.79
CA GLY A 105 -12.39 -10.68 -1.98
C GLY A 105 -11.50 -11.09 -0.84
N LEU A 106 -12.09 -11.57 0.26
CA LEU A 106 -11.30 -11.85 1.46
C LEU A 106 -10.30 -12.96 1.21
N GLY A 107 -10.75 -14.05 0.60
CA GLY A 107 -9.85 -15.19 0.38
C GLY A 107 -8.64 -14.83 -0.47
N LEU A 108 -8.86 -14.05 -1.54
CA LEU A 108 -7.74 -13.64 -2.36
C LEU A 108 -6.77 -12.76 -1.58
N ALA A 109 -7.28 -11.80 -0.80
CA ALA A 109 -6.39 -10.96 0.00
C ALA A 109 -5.59 -11.79 1.00
N GLU A 110 -6.24 -12.73 1.69
CA GLU A 110 -5.53 -13.54 2.65
C GLU A 110 -4.51 -14.44 1.96
N ASN A 111 -4.85 -14.92 0.77
CA ASN A 111 -3.88 -15.65 -0.05
C ASN A 111 -2.67 -14.77 -0.35
N PHE A 112 -2.92 -13.53 -0.77
CA PHE A 112 -1.83 -12.63 -1.12
C PHE A 112 -0.93 -12.37 0.08
N TRP A 113 -1.54 -12.06 1.23
CA TRP A 113 -0.77 -11.79 2.44
C TRP A 113 0.06 -13.00 2.86
N THR A 114 -0.53 -14.20 2.81
CA THR A 114 0.21 -15.41 3.14
C THR A 114 1.40 -15.59 2.21
N GLU A 115 1.18 -15.44 0.90
CA GLU A 115 2.26 -15.71 -0.04
C GLU A 115 3.33 -14.65 -0.01
N THR A 116 3.03 -13.42 0.43
CA THR A 116 4.03 -12.37 0.51
C THR A 116 4.58 -12.19 1.92
N THR A 117 4.19 -13.04 2.88
CA THR A 117 4.79 -12.99 4.21
C THR A 117 6.30 -13.28 4.18
N PRO A 118 6.81 -14.30 3.47
CA PRO A 118 8.28 -14.44 3.40
C PRO A 118 8.97 -13.19 2.86
N LEU A 119 8.40 -12.56 1.84
CA LEU A 119 9.00 -11.34 1.29
C LEU A 119 9.02 -10.23 2.34
N ALA A 120 7.89 -10.03 3.01
CA ALA A 120 7.81 -8.99 4.03
C ALA A 120 8.86 -9.22 5.11
N LEU A 121 9.00 -10.48 5.57
CA LEU A 121 9.98 -10.77 6.62
C LEU A 121 11.39 -10.57 6.10
N ASP A 122 11.68 -11.03 4.89
CA ASP A 122 13.01 -10.87 4.31
C ASP A 122 13.35 -9.38 4.18
N THR A 123 12.35 -8.57 3.82
CA THR A 123 12.54 -7.13 3.69
C THR A 123 12.90 -6.51 5.03
N LEU A 124 12.12 -6.83 6.08
CA LEU A 124 12.43 -6.37 7.43
C LEU A 124 13.82 -6.83 7.87
N ARG A 125 14.15 -8.11 7.65
CA ARG A 125 15.44 -8.61 8.09
C ARG A 125 16.58 -7.90 7.39
N ALA A 126 16.44 -7.65 6.09
CA ALA A 126 17.50 -7.03 5.32
C ALA A 126 17.72 -5.57 5.69
N THR A 127 16.73 -4.93 6.29
CA THR A 127 16.81 -3.51 6.60
C THR A 127 16.69 -3.24 8.09
N ARG A 128 16.77 -4.28 8.91
CA ARG A 128 16.63 -4.16 10.35
C ARG A 128 17.57 -3.08 10.90
N GLY A 129 16.99 -2.14 11.63
CA GLY A 129 17.78 -1.04 12.20
C GLY A 129 18.30 -0.04 11.21
N ASN A 130 17.84 -0.06 9.95
CA ASN A 130 18.34 0.83 8.91
C ASN A 130 17.14 1.49 8.26
N ARG A 131 16.70 2.62 8.83
CA ARG A 131 15.51 3.30 8.31
C ARG A 131 15.73 3.78 6.88
N ALA A 132 16.90 4.34 6.59
CA ALA A 132 17.18 4.86 5.25
C ALA A 132 17.15 3.75 4.21
N LEU A 133 17.70 2.59 4.53
CA LEU A 133 17.66 1.48 3.59
C LEU A 133 16.22 1.01 3.39
N ARG A 134 15.43 0.96 4.46
CA ARG A 134 14.05 0.51 4.31
C ARG A 134 13.22 1.52 3.51
N LEU A 135 13.50 2.81 3.65
CA LEU A 135 12.84 3.81 2.82
C LEU A 135 13.23 3.64 1.34
N ALA A 136 14.51 3.35 1.08
CA ALA A 136 14.94 3.13 -0.30
C ALA A 136 14.28 1.90 -0.89
N VAL A 137 14.16 0.83 -0.09
CA VAL A 137 13.48 -0.37 -0.56
C VAL A 137 12.03 -0.05 -0.90
N ALA A 138 11.36 0.75 -0.07
CA ALA A 138 9.97 1.12 -0.34
C ALA A 138 9.88 1.98 -1.59
N PHE A 139 10.77 2.97 -1.72
CA PHE A 139 10.82 3.77 -2.94
C PHE A 139 10.93 2.87 -4.17
N ASP A 140 11.81 1.88 -4.11
CA ASP A 140 12.02 0.98 -5.25
C ASP A 140 10.73 0.29 -5.67
N PHE A 141 10.04 -0.36 -4.73
CA PHE A 141 8.90 -1.15 -5.20
C PHE A 141 7.69 -0.29 -5.52
N LEU A 142 7.56 0.88 -4.88
CA LEU A 142 6.47 1.78 -5.23
C LEU A 142 6.64 2.33 -6.65
N VAL A 143 7.84 2.79 -6.99
CA VAL A 143 8.06 3.31 -8.35
C VAL A 143 7.73 2.22 -9.38
N CYS A 144 8.32 1.03 -9.19
CA CYS A 144 8.09 -0.08 -10.10
C CYS A 144 6.63 -0.51 -10.15
N THR A 145 5.90 -0.44 -9.03
CA THR A 145 4.50 -0.86 -9.08
C THR A 145 3.67 0.03 -10.00
N GLY A 146 3.90 1.34 -9.96
CA GLY A 146 3.17 2.23 -10.85
C GLY A 146 3.43 1.97 -12.33
N VAL A 147 4.66 1.57 -12.66
CA VAL A 147 5.00 1.22 -14.05
C VAL A 147 4.44 -0.14 -14.42
N MET A 148 4.51 -1.10 -13.51
CA MET A 148 4.06 -2.46 -13.81
C MET A 148 2.56 -2.52 -14.06
N LEU A 149 1.77 -1.79 -13.27
CA LEU A 149 0.32 -1.89 -13.38
C LEU A 149 -0.22 -1.15 -14.60
N ALA A 150 0.54 -0.20 -15.15
CA ALA A 150 0.03 0.65 -16.22
C ALA A 150 -0.53 -0.12 -17.42
N PRO A 151 0.14 -1.15 -17.97
CA PRO A 151 -0.45 -1.84 -19.13
C PRO A 151 -1.74 -2.60 -18.83
N HIS A 152 -2.11 -2.78 -17.57
CA HIS A 152 -3.35 -3.46 -17.24
C HIS A 152 -4.52 -2.50 -17.04
N LEU A 153 -4.28 -1.20 -17.20
CA LEU A 153 -5.29 -0.17 -17.05
C LEU A 153 -6.21 -0.16 -18.27
N PRO A 154 -7.34 0.54 -18.20
CA PRO A 154 -8.11 0.81 -19.40
C PRO A 154 -7.22 1.44 -20.47
N PRO A 155 -7.38 1.04 -21.73
CA PRO A 155 -6.48 1.51 -22.79
C PRO A 155 -6.36 3.02 -22.88
N SER A 156 -7.42 3.77 -22.54
CA SER A 156 -7.30 5.21 -22.65
C SER A 156 -6.37 5.82 -21.60
N ILE A 157 -6.00 5.06 -20.57
CA ILE A 157 -5.00 5.55 -19.61
C ILE A 157 -3.76 4.66 -19.66
N ALA A 158 -3.93 3.40 -20.04
CA ALA A 158 -2.77 2.52 -20.21
C ALA A 158 -1.78 3.06 -21.25
N LYS A 159 -2.26 3.85 -22.21
CA LYS A 159 -1.38 4.47 -23.19
C LYS A 159 -0.24 5.27 -22.54
N PHE A 160 -0.42 5.74 -21.31
CA PHE A 160 0.58 6.58 -20.65
C PHE A 160 1.81 5.80 -20.19
N GLY A 161 1.71 4.48 -20.08
CA GLY A 161 2.84 3.70 -19.56
C GLY A 161 3.24 4.20 -18.17
N TYR A 162 4.55 4.41 -17.98
CA TYR A 162 5.09 4.85 -16.70
C TYR A 162 4.46 6.16 -16.23
N LYS A 163 3.98 6.99 -17.17
CA LYS A 163 3.35 8.23 -16.73
C LYS A 163 2.06 7.99 -15.97
N ALA A 164 1.45 6.81 -16.12
CA ALA A 164 0.29 6.49 -15.30
C ALA A 164 0.69 6.19 -13.85
N GLY A 165 1.94 5.81 -13.62
CA GLY A 165 2.44 5.73 -12.25
C GLY A 165 2.52 7.09 -11.61
N TYR A 166 3.04 8.08 -12.35
CA TYR A 166 3.05 9.46 -11.89
C TYR A 166 1.64 9.93 -11.50
N LEU A 167 0.67 9.77 -12.41
CA LEU A 167 -0.69 10.23 -12.13
C LEU A 167 -1.27 9.53 -10.92
N SER A 168 -0.89 8.27 -10.68
CA SER A 168 -1.45 7.54 -9.56
C SER A 168 -0.95 8.12 -8.23
N TYR A 169 0.37 8.29 -8.09
CA TYR A 169 0.89 8.79 -6.83
C TYR A 169 0.47 10.24 -6.61
N LEU A 170 0.44 11.04 -7.67
CA LEU A 170 -0.06 12.40 -7.56
C LEU A 170 -1.51 12.42 -7.11
N ALA A 171 -2.35 11.57 -7.69
CA ALA A 171 -3.76 11.54 -7.29
C ALA A 171 -3.92 11.17 -5.83
N THR A 172 -3.14 10.19 -5.36
CA THR A 172 -3.21 9.79 -3.96
C THR A 172 -2.86 10.95 -3.04
N PHE A 173 -1.75 11.63 -3.34
CA PHE A 173 -1.32 12.73 -2.49
C PHE A 173 -2.34 13.87 -2.51
N GLU A 174 -2.74 14.31 -3.72
CA GLU A 174 -3.65 15.44 -3.80
C GLU A 174 -5.03 15.13 -3.25
N GLY A 175 -5.45 13.86 -3.32
CA GLY A 175 -6.70 13.48 -2.71
C GLY A 175 -6.70 13.69 -1.22
N TYR A 176 -5.60 13.34 -0.54
CA TYR A 176 -5.50 13.56 0.90
C TYR A 176 -5.41 15.04 1.24
N MET A 177 -4.77 15.85 0.38
CA MET A 177 -4.72 17.29 0.61
C MET A 177 -6.10 17.89 0.78
N LEU A 178 -7.13 17.27 0.20
CA LEU A 178 -8.49 17.79 0.31
C LEU A 178 -9.14 17.54 1.66
N LEU A 179 -8.53 16.71 2.51
CA LEU A 179 -9.14 16.34 3.79
C LEU A 179 -8.51 17.03 4.99
N ILE A 180 -7.36 17.67 4.83
CA ILE A 180 -6.54 18.04 5.96
C ILE A 180 -6.73 19.51 6.30
N ARG A 181 -6.25 19.90 7.49
CA ARG A 181 -6.57 21.20 8.05
C ARG A 181 -5.83 22.32 7.33
N ASP A 182 -4.57 22.09 6.97
CA ASP A 182 -3.69 23.13 6.42
C ASP A 182 -2.99 22.59 5.19
N PRO A 183 -3.72 22.45 4.08
CA PRO A 183 -3.12 21.86 2.88
C PRO A 183 -1.90 22.61 2.40
N GLU A 184 -1.95 23.93 2.42
CA GLU A 184 -0.82 24.69 1.87
C GLU A 184 0.41 24.60 2.76
N GLY A 185 0.25 24.57 4.08
CA GLY A 185 1.39 24.37 4.95
C GLY A 185 1.95 22.97 4.86
N THR A 186 1.08 21.96 4.78
CA THR A 186 1.55 20.58 4.65
C THR A 186 2.29 20.37 3.33
N ARG A 187 1.77 20.93 2.25
CA ARG A 187 2.45 20.81 0.96
C ARG A 187 3.82 21.46 1.00
N ALA A 188 3.91 22.64 1.63
CA ALA A 188 5.18 23.34 1.72
C ALA A 188 6.25 22.49 2.39
N LYS A 189 5.87 21.75 3.43
CA LYS A 189 6.83 20.89 4.13
C LYS A 189 7.28 19.73 3.25
N HIS A 190 6.33 19.11 2.54
CA HIS A 190 6.70 18.07 1.58
C HIS A 190 7.63 18.63 0.50
N ALA A 191 7.33 19.83 0.01
CA ALA A 191 8.17 20.41 -1.04
C ALA A 191 9.57 20.70 -0.52
N GLN A 192 9.68 21.18 0.71
CA GLN A 192 10.98 21.36 1.36
C GLN A 192 11.76 20.05 1.39
N ARG A 193 11.08 18.94 1.72
CA ARG A 193 11.75 17.64 1.74
C ARG A 193 12.21 17.21 0.34
N TYR A 194 11.40 17.48 -0.68
CA TYR A 194 11.81 17.12 -2.03
C TYR A 194 13.07 17.87 -2.45
N GLU A 195 13.15 19.17 -2.14
CA GLU A 195 14.34 19.95 -2.48
C GLU A 195 15.61 19.32 -1.91
N LYS A 196 15.54 18.82 -0.68
CA LYS A 196 16.72 18.23 -0.04
C LYS A 196 17.15 16.94 -0.73
N ASN A 197 16.22 16.21 -1.35
CA ASN A 197 16.51 14.88 -1.87
C ASN A 197 16.38 14.76 -3.38
N ARG A 198 16.15 15.89 -4.08
CA ARG A 198 15.90 15.84 -5.52
C ARG A 198 17.07 15.22 -6.29
N GLU A 199 18.30 15.57 -5.94
CA GLU A 199 19.42 15.10 -6.75
C GLU A 199 19.66 13.61 -6.56
N LEU A 200 19.21 13.02 -5.47
CA LEU A 200 19.27 11.58 -5.29
C LEU A 200 18.06 10.88 -5.89
N LEU A 201 16.87 11.49 -5.80
CA LEU A 201 15.64 10.79 -6.18
C LEU A 201 15.47 10.67 -7.68
N ARG A 202 15.80 11.73 -8.44
CA ARG A 202 15.50 11.73 -9.86
C ARG A 202 16.29 10.68 -10.63
N PRO A 203 17.63 10.58 -10.50
CA PRO A 203 18.34 9.51 -11.23
C PRO A 203 17.98 8.11 -10.74
N ARG A 204 17.70 7.93 -9.45
CA ARG A 204 17.24 6.64 -8.97
C ARG A 204 15.93 6.24 -9.64
N LEU A 205 14.99 7.18 -9.71
CA LEU A 205 13.70 6.91 -10.34
C LEU A 205 13.85 6.57 -11.81
N ARG A 206 14.66 7.34 -12.56
CA ARG A 206 14.78 7.07 -13.98
C ARG A 206 15.36 5.68 -14.22
N THR A 207 16.27 5.25 -13.36
CA THR A 207 16.90 3.94 -13.51
C THR A 207 15.92 2.81 -13.24
N LEU A 208 15.05 2.98 -12.23
CA LEU A 208 14.02 1.99 -11.98
C LEU A 208 13.05 1.90 -13.15
N VAL A 209 12.65 3.05 -13.71
CA VAL A 209 11.73 3.04 -14.84
C VAL A 209 12.38 2.37 -16.03
N GLU A 210 13.67 2.64 -16.27
CA GLU A 210 14.38 1.94 -17.33
C GLU A 210 14.40 0.44 -17.06
N GLN A 211 14.65 0.04 -15.82
CA GLN A 211 14.69 -1.39 -15.50
C GLN A 211 13.31 -2.04 -15.61
N MET A 212 12.25 -1.23 -15.59
CA MET A 212 10.88 -1.65 -15.77
C MET A 212 10.40 -1.50 -17.22
N SER A 213 11.32 -1.42 -18.19
CA SER A 213 10.90 -1.07 -19.54
C SER A 213 10.00 -2.13 -20.18
N GLU A 214 10.16 -3.41 -19.79
CA GLU A 214 9.24 -4.43 -20.27
C GLU A 214 8.47 -4.99 -19.08
N PRO A 215 7.42 -4.30 -18.64
CA PRO A 215 6.78 -4.64 -17.35
C PRO A 215 6.04 -5.97 -17.37
N ASP A 216 5.90 -6.61 -18.53
CA ASP A 216 5.34 -7.95 -18.63
C ASP A 216 6.41 -9.04 -18.59
N GLY A 217 7.68 -8.67 -18.50
CA GLY A 217 8.79 -9.60 -18.69
C GLY A 217 9.35 -10.12 -17.39
N GLU A 218 10.57 -10.66 -17.45
CA GLU A 218 11.16 -11.29 -16.28
C GLU A 218 11.78 -10.31 -15.31
N LEU A 219 11.97 -9.05 -15.71
CA LEU A 219 12.40 -7.98 -14.80
C LEU A 219 13.75 -8.32 -14.16
N THR A 220 14.65 -8.90 -14.95
CA THR A 220 15.90 -9.41 -14.38
C THR A 220 16.84 -8.33 -13.87
N ASP A 221 16.61 -7.05 -14.20
CA ASP A 221 17.49 -5.98 -13.73
C ASP A 221 16.91 -5.21 -12.55
N VAL A 222 15.72 -5.58 -12.08
CA VAL A 222 15.07 -4.88 -10.96
C VAL A 222 15.71 -5.38 -9.67
N PRO A 223 15.93 -4.52 -8.66
CA PRO A 223 16.44 -5.00 -7.37
C PRO A 223 15.63 -6.18 -6.83
N GLU A 224 16.34 -7.13 -6.21
CA GLU A 224 15.78 -8.44 -5.88
C GLU A 224 14.49 -8.34 -5.08
N LEU A 225 14.45 -7.48 -4.06
CA LEU A 225 13.24 -7.42 -3.24
C LEU A 225 12.08 -6.82 -4.03
N ALA A 226 12.34 -5.77 -4.80
CA ALA A 226 11.28 -5.19 -5.62
C ALA A 226 10.80 -6.19 -6.66
N ARG A 227 11.74 -6.91 -7.26
CA ARG A 227 11.39 -7.90 -8.27
C ARG A 227 10.40 -8.91 -7.72
N GLU A 228 10.70 -9.46 -6.53
CA GLU A 228 9.82 -10.45 -5.93
C GLU A 228 8.45 -9.87 -5.64
N TRP A 229 8.41 -8.64 -5.12
CA TRP A 229 7.12 -7.95 -4.94
C TRP A 229 6.37 -7.85 -6.25
N LEU A 230 7.06 -7.38 -7.32
CA LEU A 230 6.37 -7.12 -8.58
C LEU A 230 5.81 -8.39 -9.19
N VAL A 231 6.60 -9.48 -9.22
CA VAL A 231 6.14 -10.68 -9.90
C VAL A 231 4.94 -11.28 -9.15
N ARG A 232 4.97 -11.23 -7.81
CA ARG A 232 3.85 -11.77 -7.05
C ARG A 232 2.59 -10.92 -7.25
N LEU A 233 2.70 -9.59 -7.14
CA LEU A 233 1.52 -8.77 -7.39
C LEU A 233 1.01 -8.96 -8.81
N ARG A 234 1.93 -9.01 -9.79
CA ARG A 234 1.52 -9.15 -11.17
C ARG A 234 0.84 -10.50 -11.41
N ASP A 235 1.28 -11.55 -10.71
CA ASP A 235 0.61 -12.86 -10.79
C ASP A 235 -0.84 -12.78 -10.34
N TYR A 236 -1.15 -11.85 -9.42
CA TYR A 236 -2.50 -11.71 -8.91
C TYR A 236 -3.40 -10.86 -9.79
N VAL A 237 -2.83 -10.08 -10.71
CA VAL A 237 -3.65 -9.18 -11.53
C VAL A 237 -4.77 -9.91 -12.29
N PRO A 238 -4.51 -11.06 -12.95
CA PRO A 238 -5.64 -11.74 -13.62
C PRO A 238 -6.77 -12.11 -12.68
N ALA A 239 -6.45 -12.53 -11.45
CA ALA A 239 -7.50 -12.89 -10.50
C ALA A 239 -8.20 -11.66 -9.94
N LEU A 240 -7.47 -10.56 -9.77
CA LEU A 240 -8.12 -9.30 -9.43
C LEU A 240 -9.10 -8.89 -10.51
N GLN A 241 -8.65 -8.95 -11.77
CA GLN A 241 -9.49 -8.61 -12.92
C GLN A 241 -10.69 -9.53 -13.02
N LYS A 242 -10.48 -10.83 -12.81
CA LYS A 242 -11.56 -11.81 -12.88
C LYS A 242 -12.62 -11.55 -11.81
N GLY A 243 -12.20 -11.17 -10.61
CA GLY A 243 -13.16 -10.86 -9.56
C GLY A 243 -14.13 -9.77 -9.98
N PHE A 244 -13.62 -8.70 -10.58
CA PHE A 244 -14.51 -7.62 -11.04
C PHE A 244 -15.33 -8.04 -12.25
N ASP A 245 -14.66 -8.64 -13.26
CA ASP A 245 -15.37 -9.04 -14.48
C ASP A 245 -16.55 -9.97 -14.17
N GLU A 246 -16.42 -10.82 -13.16
CA GLU A 246 -17.44 -11.79 -12.83
C GLU A 246 -18.50 -11.25 -11.87
N GLY A 247 -18.42 -9.98 -11.49
CA GLY A 247 -19.44 -9.41 -10.60
C GLY A 247 -19.26 -9.71 -9.13
N ARG A 248 -18.09 -10.21 -8.73
CA ARG A 248 -17.88 -10.66 -7.37
C ARG A 248 -17.21 -9.61 -6.48
N PHE A 249 -16.34 -8.77 -7.04
CA PHE A 249 -15.56 -7.82 -6.28
C PHE A 249 -16.19 -6.43 -6.39
N TYR A 250 -16.20 -5.71 -5.28
CA TYR A 250 -16.74 -4.36 -5.20
C TYR A 250 -15.82 -3.54 -4.30
N LEU A 251 -15.65 -2.26 -4.64
CA LEU A 251 -14.78 -1.36 -3.88
C LEU A 251 -15.68 -0.42 -3.07
N TYR A 252 -15.67 -0.57 -1.75
CA TYR A 252 -16.52 0.26 -0.91
C TYR A 252 -15.90 0.35 0.48
N ALA A 253 -16.44 1.29 1.26
CA ALA A 253 -16.15 1.44 2.67
C ALA A 253 -17.43 1.19 3.46
N THR A 254 -17.28 0.81 4.71
CA THR A 254 -18.43 0.47 5.54
C THR A 254 -18.34 1.32 6.79
N PRO A 255 -19.34 2.14 7.09
CA PRO A 255 -19.35 2.83 8.39
C PRO A 255 -19.47 1.81 9.52
N ARG A 256 -18.73 2.04 10.59
CA ARG A 256 -18.66 1.08 11.69
C ARG A 256 -19.99 1.05 12.45
N LYS A 257 -20.05 0.13 13.42
CA LYS A 257 -21.15 0.10 14.37
C LYS A 257 -21.30 1.47 15.02
N ALA A 258 -22.48 2.07 14.86
CA ALA A 258 -22.81 3.38 15.42
C ALA A 258 -21.87 4.48 14.95
N GLU A 259 -21.46 4.43 13.68
CA GLU A 259 -20.67 5.49 13.06
C GLU A 259 -21.61 6.38 12.25
N THR A 260 -21.99 7.51 12.85
CA THR A 260 -22.82 8.48 12.14
C THR A 260 -22.07 9.05 10.94
N ALA A 261 -22.80 9.35 9.88
CA ALA A 261 -22.21 9.94 8.68
C ALA A 261 -23.19 10.92 8.04
N PRO A 274 -15.43 35.79 0.61
CA PRO A 274 -15.74 36.90 -0.29
C PRO A 274 -15.33 36.62 -1.73
N ASP A 275 -15.18 37.68 -2.53
CA ASP A 275 -14.86 37.55 -3.96
C ASP A 275 -13.34 37.48 -4.10
N VAL A 276 -12.80 36.27 -4.03
CA VAL A 276 -11.36 36.07 -4.17
C VAL A 276 -10.90 36.45 -5.58
N GLU A 277 -11.74 36.24 -6.58
CA GLU A 277 -11.38 36.50 -7.97
C GLU A 277 -11.03 37.97 -8.21
N TRP A 278 -11.62 38.88 -7.43
CA TRP A 278 -11.39 40.31 -7.55
C TRP A 278 -10.38 40.85 -6.54
N LEU A 279 -10.54 40.48 -5.25
CA LEU A 279 -9.67 40.88 -4.13
C LEU A 279 -8.37 40.06 -4.10
N SER A 280 -8.24 39.32 -5.19
CA SER A 280 -7.04 38.58 -5.51
C SER A 280 -5.82 39.47 -5.51
N ASP A 281 -4.75 39.01 -4.86
CA ASP A 281 -3.41 39.36 -5.32
C ASP A 281 -2.39 38.27 -4.99
N LEU A 282 -2.84 37.05 -4.71
CA LEU A 282 -2.02 35.88 -4.91
C LEU A 282 -2.61 35.04 -6.03
N PRO A 283 -1.80 34.54 -6.95
CA PRO A 283 -2.32 33.97 -8.19
C PRO A 283 -2.85 32.55 -7.99
N GLU A 284 -3.23 31.92 -9.10
CA GLU A 284 -3.85 30.60 -9.04
C GLU A 284 -2.83 29.55 -8.61
N PRO A 285 -3.19 28.65 -7.71
CA PRO A 285 -2.31 27.52 -7.40
C PRO A 285 -2.18 26.59 -8.58
N PRO A 286 -0.99 26.04 -8.83
CA PRO A 286 -0.85 25.09 -9.95
C PRO A 286 -1.71 23.86 -9.80
N VAL A 287 -2.04 23.48 -8.57
CA VAL A 287 -2.89 22.31 -8.37
C VAL A 287 -4.34 22.61 -8.75
N ALA A 288 -4.74 23.88 -8.72
CA ALA A 288 -6.09 24.23 -9.15
C ALA A 288 -6.31 23.87 -10.62
N GLY A 289 -5.29 24.06 -11.46
CA GLY A 289 -5.41 23.63 -12.84
C GLY A 289 -5.64 22.13 -12.99
N ILE A 290 -5.04 21.34 -12.10
CA ILE A 290 -5.23 19.89 -12.16
C ILE A 290 -6.65 19.52 -11.77
N HIS A 291 -7.21 20.14 -10.72
CA HIS A 291 -8.57 19.80 -10.32
C HIS A 291 -9.58 20.24 -11.37
N ARG A 292 -9.36 21.40 -12.00
CA ARG A 292 -10.20 21.80 -13.11
C ARG A 292 -10.13 20.78 -14.24
N ALA A 293 -8.94 20.20 -14.48
CA ALA A 293 -8.80 19.20 -15.53
C ALA A 293 -9.67 17.98 -15.26
N ILE A 294 -9.62 17.47 -14.04
CA ILE A 294 -10.47 16.33 -13.70
C ILE A 294 -11.94 16.72 -13.80
N ALA A 295 -12.28 17.88 -13.26
CA ALA A 295 -13.68 18.32 -13.21
C ALA A 295 -14.29 18.42 -14.61
N ASP A 296 -13.48 18.77 -15.61
CA ASP A 296 -13.99 18.91 -16.97
C ASP A 296 -13.99 17.59 -17.74
N ASN A 297 -13.39 16.53 -17.22
CA ASN A 297 -13.25 15.28 -17.96
C ASN A 297 -14.21 14.27 -17.35
N THR A 298 -15.45 14.30 -17.83
CA THR A 298 -16.47 13.38 -17.34
C THR A 298 -16.07 11.93 -17.60
N TYR A 299 -15.46 11.67 -18.75
CA TYR A 299 -15.08 10.31 -19.09
C TYR A 299 -14.06 9.75 -18.10
N TYR A 300 -13.02 10.52 -17.82
CA TYR A 300 -12.01 10.14 -16.83
C TYR A 300 -12.67 9.82 -15.49
N GLN A 301 -13.59 10.68 -15.03
CA GLN A 301 -14.28 10.44 -13.77
C GLN A 301 -15.01 9.11 -13.77
N GLY A 302 -15.78 8.83 -14.83
CA GLY A 302 -16.51 7.58 -14.89
C GLY A 302 -15.58 6.37 -14.94
N MET A 303 -14.46 6.51 -15.66
CA MET A 303 -13.50 5.41 -15.80
CA MET A 303 -13.50 5.41 -15.80
C MET A 303 -12.93 5.01 -14.44
N ILE A 304 -12.52 5.99 -13.64
CA ILE A 304 -11.96 5.71 -12.31
C ILE A 304 -12.99 5.03 -11.43
N ARG A 305 -14.26 5.33 -11.62
CA ARG A 305 -15.27 4.79 -10.74
C ARG A 305 -15.85 3.47 -11.21
N GLU A 306 -15.85 3.19 -12.51
CA GLU A 306 -16.64 2.06 -13.02
C GLU A 306 -15.92 1.12 -13.98
N ASP A 307 -14.80 1.52 -14.60
CA ASP A 307 -14.15 0.61 -15.53
C ASP A 307 -13.51 -0.53 -14.75
N ARG A 308 -13.77 -1.77 -15.17
CA ARG A 308 -13.34 -2.90 -14.34
C ARG A 308 -11.83 -3.08 -14.36
N ARG A 309 -11.16 -2.66 -15.42
CA ARG A 309 -9.70 -2.71 -15.39
C ARG A 309 -9.13 -1.67 -14.42
N PHE A 310 -9.77 -0.51 -14.33
CA PHE A 310 -9.32 0.46 -13.34
C PHE A 310 -9.63 -0.05 -11.93
N LEU A 311 -10.81 -0.64 -11.72
CA LEU A 311 -11.14 -1.16 -10.39
C LEU A 311 -10.12 -2.20 -9.94
N ALA A 312 -9.76 -3.13 -10.83
CA ALA A 312 -8.72 -4.11 -10.52
C ALA A 312 -7.42 -3.41 -10.15
N SER A 313 -7.07 -2.34 -10.88
CA SER A 313 -5.86 -1.59 -10.54
C SER A 313 -5.95 -0.99 -9.14
N ARG A 314 -7.13 -0.48 -8.78
CA ARG A 314 -7.30 0.11 -7.46
C ARG A 314 -7.18 -0.95 -6.36
N LEU A 315 -7.60 -2.18 -6.66
CA LEU A 315 -7.45 -3.24 -5.66
C LEU A 315 -5.98 -3.61 -5.50
N ALA A 316 -5.23 -3.68 -6.61
CA ALA A 316 -3.79 -3.90 -6.51
C ALA A 316 -3.12 -2.75 -5.77
N GLN A 317 -3.60 -1.52 -5.99
CA GLN A 317 -3.17 -0.38 -5.22
C GLN A 317 -3.36 -0.60 -3.72
N ALA A 318 -4.51 -1.12 -3.32
CA ALA A 318 -4.76 -1.35 -1.89
C ALA A 318 -3.83 -2.41 -1.33
N TYR A 319 -3.55 -3.45 -2.12
CA TYR A 319 -2.57 -4.45 -1.70
C TYR A 319 -1.21 -3.82 -1.48
N THR A 320 -0.83 -2.89 -2.36
CA THR A 320 0.46 -2.20 -2.23
C THR A 320 0.51 -1.34 -0.97
N ASN A 321 -0.59 -0.62 -0.68
CA ASN A 321 -0.69 0.16 0.53
C ASN A 321 -0.64 -0.71 1.78
N TRP A 322 -1.35 -1.84 1.76
CA TRP A 322 -1.24 -2.77 2.88
C TRP A 322 0.20 -3.25 3.06
N HIS A 323 0.94 -3.46 1.96
CA HIS A 323 2.30 -3.95 2.11
C HIS A 323 3.19 -2.90 2.80
N LEU A 324 3.05 -1.63 2.43
CA LEU A 324 3.74 -0.55 3.16
C LEU A 324 3.46 -0.63 4.65
N TYR A 325 2.20 -0.88 5.01
CA TYR A 325 1.78 -0.92 6.40
C TYR A 325 2.35 -2.14 7.12
N ARG A 326 2.36 -3.30 6.42
CA ARG A 326 3.00 -4.48 7.01
C ARG A 326 4.48 -4.26 7.24
N LEU A 327 5.11 -3.41 6.44
CA LEU A 327 6.51 -3.06 6.65
C LEU A 327 6.69 -1.98 7.70
N GLY A 328 5.60 -1.47 8.29
CA GLY A 328 5.70 -0.52 9.38
C GLY A 328 5.69 0.94 8.99
N PHE A 329 5.40 1.26 7.73
CA PHE A 329 5.37 2.65 7.31
C PHE A 329 4.03 3.27 7.70
N LEU A 330 4.08 4.27 8.57
CA LEU A 330 2.89 4.97 9.02
C LEU A 330 2.50 6.04 7.99
N LEU A 331 1.43 6.78 8.30
CA LEU A 331 0.82 7.65 7.29
C LEU A 331 1.83 8.70 6.79
N ALA A 332 2.55 9.33 7.71
CA ALA A 332 3.50 10.38 7.33
C ALA A 332 4.53 9.86 6.34
N ASP A 333 5.13 8.70 6.62
CA ASP A 333 6.11 8.14 5.68
C ASP A 333 5.47 7.76 4.36
N ARG A 334 4.31 7.12 4.39
CA ARG A 334 3.66 6.71 3.14
C ARG A 334 3.40 7.90 2.22
N TYR A 335 2.88 9.00 2.77
CA TYR A 335 2.54 10.13 1.91
C TYR A 335 3.78 10.91 1.50
N THR A 336 4.84 10.92 2.32
CA THR A 336 6.11 11.45 1.85
C THR A 336 6.59 10.68 0.63
N LEU A 337 6.56 9.35 0.70
CA LEU A 337 6.98 8.55 -0.45
C LEU A 337 6.15 8.90 -1.68
N PHE A 338 4.83 9.01 -1.52
CA PHE A 338 4.00 9.29 -2.70
C PHE A 338 4.37 10.64 -3.29
N TYR A 339 4.58 11.64 -2.42
CA TYR A 339 4.90 12.98 -2.88
C TYR A 339 6.25 13.01 -3.59
N LEU A 340 7.27 12.41 -2.99
CA LEU A 340 8.60 12.38 -3.57
C LEU A 340 8.60 11.70 -4.93
N ILE A 341 7.87 10.59 -5.05
CA ILE A 341 7.80 9.89 -6.33
C ILE A 341 7.14 10.77 -7.38
N ALA A 342 6.01 11.38 -7.04
CA ALA A 342 5.28 12.20 -8.00
C ALA A 342 6.15 13.37 -8.49
N ARG A 343 6.79 14.08 -7.55
CA ARG A 343 7.63 15.22 -7.92
C ARG A 343 8.81 14.77 -8.78
N ALA A 344 9.43 13.65 -8.43
CA ALA A 344 10.57 13.18 -9.22
C ALA A 344 10.12 12.79 -10.63
N PHE A 345 8.99 12.09 -10.77
CA PHE A 345 8.45 11.83 -12.11
C PHE A 345 8.24 13.14 -12.86
N GLU A 346 7.59 14.10 -12.19
CA GLU A 346 7.22 15.36 -12.83
C GLU A 346 8.44 16.09 -13.39
N GLU A 347 9.49 16.22 -12.58
CA GLU A 347 10.67 16.93 -13.03
C GLU A 347 11.52 16.11 -13.98
N GLU A 348 11.65 14.81 -13.73
CA GLU A 348 12.55 14.02 -14.55
C GLU A 348 12.06 13.90 -15.99
N TYR A 349 10.74 13.84 -16.19
CA TYR A 349 10.16 13.68 -17.52
C TYR A 349 9.39 14.89 -17.99
N ASP A 350 9.43 16.01 -17.25
CA ASP A 350 8.80 17.25 -17.68
C ASP A 350 7.30 17.05 -17.93
N LEU A 351 6.63 16.46 -16.93
CA LEU A 351 5.22 16.08 -17.08
C LEU A 351 4.28 17.21 -16.66
N ASP A 352 3.10 17.20 -17.28
CA ASP A 352 2.03 18.19 -17.06
C ASP A 352 0.77 17.38 -16.76
N ALA A 353 0.44 17.24 -15.48
CA ALA A 353 -0.66 16.35 -15.11
C ALA A 353 -1.97 16.82 -15.72
N ALA A 354 -2.24 18.12 -15.65
CA ALA A 354 -3.46 18.67 -16.24
C ALA A 354 -3.56 18.31 -17.72
N ALA A 355 -2.44 18.45 -18.45
CA ALA A 355 -2.46 18.13 -19.88
C ALA A 355 -2.70 16.64 -20.10
N LEU A 356 -2.05 15.78 -19.32
CA LEU A 356 -2.27 14.35 -19.45
C LEU A 356 -3.72 14.00 -19.13
N ILE A 357 -4.27 14.54 -18.05
CA ILE A 357 -5.66 14.28 -17.70
C ILE A 357 -6.58 14.72 -18.83
N ARG A 358 -6.33 15.91 -19.41
CA ARG A 358 -7.17 16.41 -20.48
C ARG A 358 -7.17 15.48 -21.69
N SER A 359 -6.11 14.70 -21.87
CA SER A 359 -6.00 13.88 -23.07
C SER A 359 -6.68 12.51 -22.93
N VAL A 360 -7.17 12.16 -21.75
CA VAL A 360 -7.85 10.87 -21.57
C VAL A 360 -9.23 10.96 -22.22
N ARG A 361 -9.43 10.20 -23.29
CA ARG A 361 -10.66 10.25 -24.07
C ARG A 361 -11.06 8.84 -24.45
N PRO A 362 -12.32 8.62 -24.82
CA PRO A 362 -12.73 7.29 -25.26
C PRO A 362 -12.10 6.97 -26.60
N GLU A 363 -11.62 5.74 -26.76
CA GLU A 363 -11.00 5.33 -28.01
C GLU A 363 -12.02 4.63 -28.92
N ALA A 364 -11.66 4.54 -30.20
CA ALA A 364 -12.57 4.07 -31.26
C ALA A 364 -13.80 4.98 -31.37
#